data_4EKF
#
_entry.id   4EKF
#
_cell.length_a   36.270
_cell.length_b   54.540
_cell.length_c   42.410
_cell.angle_alpha   90.00
_cell.angle_beta   100.10
_cell.angle_gamma   90.00
#
_symmetry.space_group_name_H-M   'P 1 21 1'
#
loop_
_entity.id
_entity.type
_entity.pdbx_description
1 polymer Adenain
2 non-polymer 'SODIUM ION'
3 water water
#
_entity_poly.entity_id   1
_entity_poly.type   'polypeptide(L)'
_entity_poly.pdbx_seq_one_letter_code
;MGSSEQELKAIVKDLGCGPYFLGTYDKRFPGFVSPHKLACAIVNTAGRETGGVHWMAFAWNPRSKTCYLFEPFGFSDQRL
KQVYQFEYESLLRRSAIASSPDRCITLEKSTQSVQGPNSAA(CSD)GLFCCMFLHAFANWPQTPMDHNPTMNLITGVPNS
MLNSPQVQPTLRRNQEQLYSFLERHSPYFRSHSAQIRSATSFCHLKNM
;
_entity_poly.pdbx_strand_id   A
#
loop_
_chem_comp.id
_chem_comp.type
_chem_comp.name
_chem_comp.formula
NA non-polymer 'SODIUM ION' 'Na 1'
#
# COMPACT_ATOMS: atom_id res chain seq x y z
N MET A 1 -8.19 10.35 12.15
CA MET A 1 -7.07 9.41 12.21
C MET A 1 -6.96 8.74 10.83
N GLY A 2 -5.76 8.42 10.48
CA GLY A 2 -5.54 7.79 9.22
C GLY A 2 -5.70 8.69 8.04
N SER A 3 -6.10 8.12 6.90
CA SER A 3 -6.26 8.81 5.65
C SER A 3 -7.61 8.48 5.02
N SER A 4 -8.24 9.48 4.43
CA SER A 4 -9.47 9.28 3.71
C SER A 4 -9.23 8.84 2.28
N GLU A 5 -10.25 8.28 1.69
CA GLU A 5 -10.16 7.91 0.27
C GLU A 5 -9.82 9.11 -0.58
N GLN A 6 -10.38 10.29 -0.29
CA GLN A 6 -10.08 11.45 -1.15
C GLN A 6 -8.64 11.89 -1.04
N GLU A 7 -7.99 11.80 0.08
CA GLU A 7 -6.61 12.12 0.35
C GLU A 7 -5.76 11.18 -0.50
N LEU A 8 -6.04 9.86 -0.38
CA LEU A 8 -5.25 8.92 -1.12
C LEU A 8 -5.38 9.12 -2.61
N LYS A 9 -6.60 9.38 -3.10
CA LYS A 9 -6.77 9.64 -4.50
C LYS A 9 -5.97 10.83 -4.98
N ALA A 10 -5.95 11.91 -4.18
CA ALA A 10 -5.19 13.08 -4.59
C ALA A 10 -3.69 12.75 -4.67
N ILE A 11 -3.20 11.98 -3.71
CA ILE A 11 -1.77 11.65 -3.67
C ILE A 11 -1.42 10.70 -4.80
N VAL A 12 -2.22 9.67 -5.08
CA VAL A 12 -1.96 8.76 -6.17
C VAL A 12 -1.90 9.52 -7.49
N LYS A 13 -2.78 10.49 -7.68
CA LYS A 13 -2.74 11.33 -8.91
C LYS A 13 -1.43 12.09 -8.96
N ASP A 14 -0.99 12.71 -7.86
CA ASP A 14 0.27 13.42 -7.85
C ASP A 14 1.42 12.50 -8.20
N LEU A 15 1.36 11.26 -7.76
CA LEU A 15 2.46 10.34 -7.96
C LEU A 15 2.52 9.77 -9.36
N GLY A 16 1.58 10.08 -10.22
CA GLY A 16 1.65 9.75 -11.63
C GLY A 16 0.96 8.43 -11.93
N CYS A 17 0.14 7.91 -11.00
CA CYS A 17 -0.50 6.63 -11.23
C CYS A 17 -1.83 6.69 -11.91
N GLY A 18 -2.32 7.90 -12.16
CA GLY A 18 -3.60 8.10 -12.76
C GLY A 18 -3.95 7.26 -13.95
N PRO A 19 -3.07 7.13 -14.91
CA PRO A 19 -3.41 6.33 -16.10
C PRO A 19 -3.72 4.88 -15.85
N TYR A 20 -3.29 4.32 -14.73
CA TYR A 20 -3.49 2.92 -14.40
C TYR A 20 -4.44 2.73 -13.25
N PHE A 21 -4.82 3.77 -12.57
CA PHE A 21 -5.55 3.65 -11.29
C PHE A 21 -7.03 3.45 -11.48
N LEU A 22 -7.58 2.39 -10.94
CA LEU A 22 -8.97 2.07 -11.08
C LEU A 22 -9.89 2.66 -10.02
N GLY A 23 -9.30 3.15 -8.94
CA GLY A 23 -10.06 3.74 -7.87
C GLY A 23 -9.78 3.12 -6.51
N THR A 24 -10.60 3.56 -5.56
CA THR A 24 -10.61 3.04 -4.22
C THR A 24 -11.85 2.19 -4.06
N TYR A 25 -11.71 1.06 -3.37
CA TYR A 25 -12.74 0.05 -3.24
C TYR A 25 -12.99 -0.28 -1.78
N ASP A 26 -14.24 -0.63 -1.48
CA ASP A 26 -14.65 -1.04 -0.14
C ASP A 26 -14.71 -2.54 -0.09
N LYS A 27 -13.73 -3.12 0.60
CA LYS A 27 -13.62 -4.53 0.88
C LYS A 27 -13.34 -5.35 -0.38
N ARG A 28 -14.00 -5.22 -1.42
CA ARG A 28 -13.84 -6.07 -2.59
C ARG A 28 -12.81 -5.55 -3.55
N PHE A 29 -12.11 -6.44 -4.39
CA PHE A 29 -11.44 -5.87 -5.53
C PHE A 29 -12.44 -5.30 -6.58
N PRO A 30 -11.54 -4.65 -7.52
CA PRO A 30 -12.17 -4.14 -8.75
C PRO A 30 -12.85 -5.27 -9.50
N GLY A 31 -13.82 -4.90 -10.32
CA GLY A 31 -14.60 -5.83 -11.06
C GLY A 31 -13.73 -6.69 -11.91
N PHE A 32 -12.74 -6.22 -12.60
CA PHE A 32 -12.00 -6.91 -13.60
C PHE A 32 -10.63 -6.27 -13.82
N VAL A 33 -9.78 -7.09 -14.38
CA VAL A 33 -8.55 -6.65 -14.96
C VAL A 33 -8.56 -7.07 -16.42
N SER A 34 -7.85 -6.34 -17.22
CA SER A 34 -7.78 -6.58 -18.63
C SER A 34 -6.49 -7.20 -19.02
N PRO A 35 -6.54 -8.07 -20.01
CA PRO A 35 -5.29 -8.67 -20.49
C PRO A 35 -4.41 -7.69 -21.23
N HIS A 36 -4.91 -6.49 -21.45
CA HIS A 36 -4.27 -5.53 -22.25
C HIS A 36 -3.74 -4.30 -21.53
N LYS A 37 -3.94 -4.15 -20.22
CA LYS A 37 -3.63 -2.90 -19.56
C LYS A 37 -3.10 -3.12 -18.14
N LEU A 38 -2.09 -2.34 -17.78
CA LEU A 38 -1.64 -2.23 -16.37
C LEU A 38 -2.80 -1.66 -15.57
N ALA A 39 -2.92 -2.11 -14.30
CA ALA A 39 -3.99 -1.57 -13.46
C ALA A 39 -3.51 -1.60 -12.02
N CYS A 40 -4.07 -0.67 -11.26
CA CYS A 40 -3.84 -0.68 -9.81
C CYS A 40 -5.02 -0.06 -9.09
N ALA A 41 -5.09 -0.27 -7.79
CA ALA A 41 -6.22 0.17 -7.00
C ALA A 41 -5.82 0.21 -5.54
N ILE A 42 -6.60 0.89 -4.71
CA ILE A 42 -6.47 0.82 -3.26
C ILE A 42 -7.78 0.28 -2.69
N VAL A 43 -7.65 -0.65 -1.74
CA VAL A 43 -8.79 -1.31 -1.13
C VAL A 43 -8.79 -1.01 0.36
N ASN A 44 -9.97 -0.55 0.84
CA ASN A 44 -10.18 -0.41 2.28
C ASN A 44 -10.74 -1.76 2.75
N THR A 45 -10.01 -2.49 3.56
CA THR A 45 -10.37 -3.85 3.93
C THR A 45 -11.41 -3.92 5.02
N ALA A 46 -11.72 -2.79 5.64
CA ALA A 46 -12.74 -2.75 6.67
C ALA A 46 -14.06 -2.18 6.18
N GLY A 47 -14.03 -1.32 5.16
CA GLY A 47 -15.33 -0.83 4.71
C GLY A 47 -15.52 0.62 5.05
N GLY A 52 -10.04 5.49 8.90
CA GLY A 52 -9.03 5.82 7.89
C GLY A 52 -7.80 4.94 7.90
N VAL A 53 -7.96 3.74 8.45
CA VAL A 53 -6.95 2.74 8.35
C VAL A 53 -7.59 1.57 7.64
N HIS A 54 -6.92 0.54 7.49
CA HIS A 54 -7.22 -0.69 6.90
C HIS A 54 -7.07 -0.54 5.36
N TRP A 55 -5.91 -0.08 4.90
CA TRP A 55 -5.67 0.11 3.49
C TRP A 55 -4.65 -0.90 2.95
N MET A 56 -4.97 -1.43 1.78
CA MET A 56 -4.12 -2.35 1.03
C MET A 56 -4.07 -1.91 -0.42
N ALA A 57 -2.99 -2.20 -1.13
CA ALA A 57 -2.83 -1.84 -2.54
C ALA A 57 -2.87 -3.09 -3.40
N PHE A 58 -3.51 -2.95 -4.57
CA PHE A 58 -3.63 -3.97 -5.59
C PHE A 58 -2.97 -3.46 -6.86
N ALA A 59 -2.30 -4.36 -7.57
CA ALA A 59 -1.77 -4.03 -8.89
C ALA A 59 -1.78 -5.26 -9.77
N TRP A 60 -1.75 -5.01 -11.09
CA TRP A 60 -1.84 -6.06 -12.08
C TRP A 60 -0.95 -5.72 -13.26
N ASN A 61 -0.11 -6.65 -13.62
CA ASN A 61 0.74 -6.55 -14.81
C ASN A 61 0.31 -7.61 -15.81
N PRO A 62 -0.26 -7.23 -16.93
CA PRO A 62 -0.76 -8.23 -17.89
C PRO A 62 0.33 -8.91 -18.67
N ARG A 63 1.52 -8.33 -18.73
CA ARG A 63 2.61 -8.93 -19.51
C ARG A 63 3.28 -10.06 -18.73
N SER A 64 3.53 -9.85 -17.44
CA SER A 64 4.01 -10.94 -16.61
C SER A 64 2.88 -11.77 -16.02
N LYS A 65 1.65 -11.34 -16.23
CA LYS A 65 0.47 -12.01 -15.70
C LYS A 65 0.60 -12.20 -14.18
N THR A 66 0.87 -11.08 -13.51
CA THR A 66 1.12 -11.10 -12.06
C THR A 66 0.22 -10.05 -11.39
N CYS A 67 -0.52 -10.51 -10.37
CA CYS A 67 -1.26 -9.63 -9.49
C CYS A 67 -0.35 -9.45 -8.23
N TYR A 68 -0.29 -8.21 -7.76
CA TYR A 68 0.42 -7.86 -6.56
C TYR A 68 -0.57 -7.35 -5.52
N LEU A 69 -0.35 -7.81 -4.29
CA LEU A 69 -1.07 -7.28 -3.15
C LEU A 69 -0.07 -6.83 -2.13
N PHE A 70 -0.01 -5.50 -1.97
CA PHE A 70 0.85 -4.84 -0.99
C PHE A 70 0.04 -4.57 0.26
N GLU A 71 0.54 -5.04 1.38
CA GLU A 71 -0.12 -4.93 2.67
C GLU A 71 0.95 -4.53 3.65
N PRO A 72 0.85 -3.37 4.30
CA PRO A 72 1.97 -2.90 5.17
C PRO A 72 2.29 -3.81 6.35
N PHE A 73 1.37 -4.66 6.75
CA PHE A 73 1.56 -5.60 7.85
C PHE A 73 1.85 -7.03 7.36
N GLY A 74 2.31 -7.15 6.12
CA GLY A 74 2.85 -8.41 5.67
C GLY A 74 1.88 -9.59 5.61
N PHE A 75 0.58 -9.31 5.54
CA PHE A 75 -0.42 -10.38 5.64
C PHE A 75 -0.20 -11.25 6.89
N SER A 76 0.20 -10.59 7.97
CA SER A 76 0.32 -11.23 9.27
C SER A 76 -1.07 -11.53 9.88
N ASP A 77 -2.11 -10.87 9.42
CA ASP A 77 -3.49 -11.19 9.76
C ASP A 77 -4.01 -12.30 8.86
N GLN A 78 -4.13 -13.50 9.45
CA GLN A 78 -4.42 -14.67 8.64
C GLN A 78 -5.78 -14.61 7.98
N ARG A 79 -6.75 -13.94 8.65
CA ARG A 79 -8.06 -13.85 8.01
C ARG A 79 -8.01 -12.91 6.84
N LEU A 80 -7.31 -11.79 6.98
CA LEU A 80 -7.15 -10.88 5.89
C LEU A 80 -6.51 -11.57 4.71
N LYS A 81 -5.45 -12.36 4.96
CA LYS A 81 -4.76 -13.09 3.91
C LYS A 81 -5.72 -14.02 3.17
N GLN A 82 -6.54 -14.76 3.92
CA GLN A 82 -7.49 -15.69 3.38
C GLN A 82 -8.53 -14.99 2.52
N VAL A 83 -9.09 -13.88 3.02
CA VAL A 83 -10.08 -13.12 2.28
C VAL A 83 -9.55 -12.71 0.94
N TYR A 84 -8.33 -12.17 0.93
CA TYR A 84 -7.85 -11.57 -0.31
C TYR A 84 -7.23 -12.56 -1.24
N GLN A 85 -6.79 -13.74 -0.75
CA GLN A 85 -6.52 -14.83 -1.66
C GLN A 85 -7.76 -15.20 -2.48
N PHE A 86 -8.89 -15.29 -1.80
CA PHE A 86 -10.15 -15.59 -2.48
C PHE A 86 -10.56 -14.46 -3.43
N GLU A 87 -10.41 -13.20 -3.02
CA GLU A 87 -10.71 -12.08 -3.88
C GLU A 87 -9.89 -12.15 -5.15
N TYR A 88 -8.62 -12.51 -5.06
CA TYR A 88 -7.77 -12.68 -6.25
C TYR A 88 -8.36 -13.72 -7.18
N GLU A 89 -8.73 -14.89 -6.60
CA GLU A 89 -9.23 -15.94 -7.44
C GLU A 89 -10.53 -15.53 -8.11
N SER A 90 -11.36 -14.82 -7.40
CA SER A 90 -12.65 -14.35 -7.97
C SER A 90 -12.43 -13.33 -9.06
N LEU A 91 -11.46 -12.43 -8.86
CA LEU A 91 -11.13 -11.44 -9.88
C LEU A 91 -10.73 -12.14 -11.16
N LEU A 92 -9.91 -13.17 -11.06
CA LEU A 92 -9.52 -13.89 -12.28
C LEU A 92 -10.72 -14.51 -12.92
N ARG A 93 -11.67 -15.03 -12.14
CA ARG A 93 -12.87 -15.62 -12.76
C ARG A 93 -13.70 -14.57 -13.44
N ARG A 94 -13.78 -13.36 -12.97
CA ARG A 94 -14.59 -12.34 -13.65
C ARG A 94 -13.88 -11.77 -14.86
N SER A 95 -12.59 -11.90 -14.95
CA SER A 95 -11.77 -11.28 -15.97
C SER A 95 -11.50 -12.20 -17.15
N ALA A 96 -11.63 -13.48 -17.03
CA ALA A 96 -11.75 -14.27 -18.29
C ALA A 96 -10.27 -14.51 -18.70
N ILE A 105 -0.93 -17.38 -14.50
CA ILE A 105 -1.13 -16.22 -13.55
C ILE A 105 -0.58 -16.46 -12.15
N THR A 106 0.05 -15.45 -11.61
CA THR A 106 0.74 -15.49 -10.33
C THR A 106 0.16 -14.38 -9.42
N LEU A 107 0.03 -14.63 -8.14
CA LEU A 107 -0.19 -13.66 -7.11
C LEU A 107 1.06 -13.50 -6.25
N GLU A 108 1.58 -12.29 -6.13
CA GLU A 108 2.67 -11.95 -5.24
C GLU A 108 2.13 -11.04 -4.15
N LYS A 109 2.25 -11.48 -2.90
CA LYS A 109 1.77 -10.79 -1.75
C LYS A 109 2.93 -10.33 -0.88
N SER A 110 2.75 -9.22 -0.15
CA SER A 110 3.68 -8.86 0.89
C SER A 110 3.85 -10.01 1.86
N THR A 111 5.07 -10.20 2.33
CA THR A 111 5.39 -11.24 3.32
C THR A 111 6.05 -10.69 4.57
N GLN A 112 6.44 -9.44 4.60
CA GLN A 112 7.07 -8.80 5.76
C GLN A 112 6.32 -7.47 6.02
N SER A 113 6.51 -6.95 7.23
CA SER A 113 5.87 -5.73 7.66
C SER A 113 6.81 -4.54 7.46
N VAL A 114 6.23 -3.41 6.99
CA VAL A 114 6.99 -2.17 6.84
C VAL A 114 6.47 -1.05 7.73
N GLN A 115 5.33 -1.23 8.38
CA GLN A 115 4.67 -0.22 9.16
C GLN A 115 4.66 -0.61 10.63
N GLY A 116 4.83 0.38 11.53
CA GLY A 116 4.71 0.10 12.95
C GLY A 116 3.26 -0.19 13.35
N PRO A 117 3.12 -1.03 14.37
CA PRO A 117 1.76 -1.43 14.78
C PRO A 117 0.94 -0.31 15.33
N ASN A 118 1.57 0.76 15.78
CA ASN A 118 0.87 1.89 16.35
C ASN A 118 0.71 3.02 15.36
N SER A 119 1.10 2.81 14.12
CA SER A 119 1.04 3.84 13.08
C SER A 119 -0.30 3.82 12.36
N ALA A 120 -0.68 4.96 11.85
CA ALA A 120 -1.90 5.10 11.04
C ALA A 120 -1.58 5.52 9.59
N ALA A 121 -0.42 5.11 9.08
CA ALA A 121 0.11 5.50 7.78
C ALA A 121 -0.11 4.49 6.67
N CSD A 122 -0.95 3.44 6.85
CA CSD A 122 -1.23 2.55 5.97
CB CSD A 122 -2.01 1.31 6.35
SG CSD A 122 -3.34 1.75 7.34
C CSD A 122 -1.55 2.96 4.55
O CSD A 122 -1.04 2.49 3.50
OD1 CSD A 122 -4.06 0.38 7.50
OD2 CSD A 122 -2.71 2.07 8.69
H CSD A 122 -1.32 3.36 7.62
HA CSD A 122 -0.34 2.15 5.83
HB2 CSD A 122 -2.34 0.87 5.55
HB3 CSD A 122 -1.44 0.69 6.83
N GLY A 123 -2.48 3.90 4.49
CA GLY A 123 -2.90 4.43 3.20
C GLY A 123 -1.75 5.09 2.45
N LEU A 124 -0.93 5.85 3.17
CA LEU A 124 0.24 6.48 2.58
C LEU A 124 1.26 5.48 2.04
N PHE A 125 1.52 4.42 2.83
CA PHE A 125 2.43 3.38 2.33
C PHE A 125 1.88 2.75 1.05
N CYS A 126 0.56 2.57 0.98
CA CYS A 126 -0.04 2.02 -0.25
C CYS A 126 0.21 2.96 -1.42
N CYS A 127 0.11 4.28 -1.21
CA CYS A 127 0.43 5.23 -2.29
C CYS A 127 1.87 5.09 -2.77
N MET A 128 2.79 4.96 -1.83
CA MET A 128 4.19 4.80 -2.17
C MET A 128 4.41 3.53 -3.00
N PHE A 129 3.77 2.42 -2.62
CA PHE A 129 3.86 1.21 -3.41
C PHE A 129 3.30 1.45 -4.82
N LEU A 130 2.19 2.18 -4.93
CA LEU A 130 1.66 2.41 -6.27
C LEU A 130 2.57 3.24 -7.14
N HIS A 131 3.32 4.18 -6.54
CA HIS A 131 4.35 4.87 -7.31
C HIS A 131 5.35 3.84 -7.85
N ALA A 132 5.80 2.92 -6.98
CA ALA A 132 6.73 1.91 -7.39
C ALA A 132 6.19 1.06 -8.50
N PHE A 133 4.91 0.69 -8.43
CA PHE A 133 4.29 -0.10 -9.48
C PHE A 133 4.17 0.66 -10.81
N ALA A 134 3.72 1.90 -10.75
CA ALA A 134 3.53 2.65 -11.97
C ALA A 134 4.83 2.82 -12.72
N ASN A 135 5.94 2.97 -11.97
CA ASN A 135 7.26 3.21 -12.59
C ASN A 135 8.02 1.92 -12.90
N TRP A 136 7.92 0.90 -12.07
CA TRP A 136 8.64 -0.38 -12.23
C TRP A 136 7.67 -1.55 -12.10
N PRO A 137 6.68 -1.66 -13.00
CA PRO A 137 5.63 -2.70 -12.86
C PRO A 137 6.17 -4.10 -13.01
N GLN A 138 7.39 -4.24 -13.54
CA GLN A 138 8.02 -5.54 -13.65
C GLN A 138 8.66 -5.98 -12.34
N THR A 139 8.84 -5.08 -11.38
CA THR A 139 9.45 -5.35 -10.12
C THR A 139 8.99 -4.38 -9.04
N PRO A 140 7.70 -4.34 -8.72
CA PRO A 140 7.20 -3.27 -7.87
C PRO A 140 7.40 -3.45 -6.37
N MET A 141 7.51 -4.62 -5.89
CA MET A 141 7.54 -4.93 -4.48
C MET A 141 8.85 -4.55 -3.79
N ASP A 142 9.97 -4.78 -4.61
CA ASP A 142 11.33 -4.69 -4.04
C ASP A 142 12.21 -4.41 -5.25
N HIS A 143 13.45 -4.13 -4.96
CA HIS A 143 14.49 -3.95 -6.00
C HIS A 143 14.07 -2.85 -6.99
N ASN A 144 13.61 -1.71 -6.43
CA ASN A 144 13.34 -0.53 -7.24
C ASN A 144 13.59 0.71 -6.37
N PRO A 145 13.82 1.87 -6.98
CA PRO A 145 14.24 3.01 -6.18
C PRO A 145 13.27 3.46 -5.09
N THR A 146 11.99 3.30 -5.31
CA THR A 146 11.02 3.70 -4.30
C THR A 146 10.99 2.73 -3.14
N MET A 147 10.77 1.45 -3.44
CA MET A 147 10.69 0.49 -2.35
C MET A 147 11.99 0.23 -1.68
N ASN A 148 13.12 0.50 -2.32
CA ASN A 148 14.41 0.33 -1.62
C ASN A 148 14.59 1.30 -0.50
N LEU A 149 13.73 2.34 -0.40
CA LEU A 149 13.78 3.28 0.72
C LEU A 149 13.24 2.65 2.01
N ILE A 150 12.51 1.53 1.91
CA ILE A 150 11.72 0.90 2.97
C ILE A 150 12.28 -0.48 3.26
N THR A 151 12.37 -0.81 4.52
CA THR A 151 12.88 -2.09 5.01
C THR A 151 11.81 -2.93 5.67
N GLY A 152 11.62 -4.17 5.22
CA GLY A 152 10.68 -5.07 5.88
C GLY A 152 11.28 -5.74 7.10
N VAL A 153 10.42 -6.09 8.05
CA VAL A 153 10.76 -6.80 9.27
C VAL A 153 9.91 -8.08 9.35
N PRO A 154 10.41 -9.11 10.00
CA PRO A 154 9.61 -10.33 10.10
C PRO A 154 8.32 -10.08 10.82
N ASN A 155 7.23 -10.63 10.32
CA ASN A 155 5.93 -10.44 10.95
C ASN A 155 5.88 -10.88 12.40
N SER A 156 6.55 -11.97 12.74
CA SER A 156 6.49 -12.48 14.12
C SER A 156 7.08 -11.49 15.10
N MET A 157 7.88 -10.53 14.59
CA MET A 157 8.53 -9.55 15.44
C MET A 157 7.94 -8.14 15.33
N LEU A 158 6.79 -8.00 14.70
CA LEU A 158 6.13 -6.75 14.49
C LEU A 158 6.00 -5.90 15.76
N ASN A 159 5.72 -6.58 16.86
CA ASN A 159 5.50 -5.90 18.12
C ASN A 159 6.72 -5.86 19.02
N SER A 160 7.86 -6.31 18.52
CA SER A 160 9.07 -6.33 19.34
C SER A 160 9.67 -4.97 19.46
N PRO A 161 10.18 -4.58 20.60
CA PRO A 161 10.78 -3.24 20.71
C PRO A 161 11.87 -3.00 19.68
N GLN A 162 12.68 -3.98 19.43
CA GLN A 162 13.91 -3.76 18.66
C GLN A 162 13.67 -3.36 17.19
N VAL A 163 12.50 -3.71 16.64
CA VAL A 163 12.24 -3.33 15.25
C VAL A 163 11.61 -1.99 15.13
N GLN A 164 11.15 -1.40 16.21
CA GLN A 164 10.42 -0.14 16.07
C GLN A 164 11.25 0.96 15.41
N PRO A 165 12.53 1.10 15.68
CA PRO A 165 13.30 2.14 14.99
C PRO A 165 13.31 1.96 13.49
N THR A 166 13.35 0.73 12.99
CA THR A 166 13.30 0.46 11.58
C THR A 166 11.98 0.86 10.94
N LEU A 167 10.89 0.53 11.65
CA LEU A 167 9.56 0.86 11.18
C LEU A 167 9.33 2.37 11.23
N ARG A 168 9.92 3.06 12.21
CA ARG A 168 9.84 4.52 12.30
C ARG A 168 10.63 5.12 11.17
N ARG A 169 11.85 4.62 10.88
CA ARG A 169 12.63 5.11 9.74
C ARG A 169 11.87 4.93 8.46
N ASN A 170 11.15 3.83 8.30
CA ASN A 170 10.34 3.67 7.11
C ASN A 170 9.33 4.77 6.96
N GLN A 171 8.69 5.15 8.06
CA GLN A 171 7.70 6.19 8.03
C GLN A 171 8.31 7.56 7.74
N GLU A 172 9.48 7.82 8.24
CA GLU A 172 10.19 9.05 7.93
C GLU A 172 10.54 9.09 6.45
N GLN A 173 10.98 7.97 5.91
CA GLN A 173 11.29 7.87 4.48
C GLN A 173 10.04 8.14 3.65
N LEU A 174 8.92 7.58 4.07
CA LEU A 174 7.64 7.76 3.43
C LEU A 174 7.27 9.25 3.39
N TYR A 175 7.32 9.91 4.54
CA TYR A 175 6.93 11.35 4.54
C TYR A 175 7.87 12.15 3.68
N SER A 176 9.16 11.90 3.77
CA SER A 176 10.09 12.70 2.99
C SER A 176 9.87 12.49 1.50
N PHE A 177 9.58 11.25 1.10
CA PHE A 177 9.27 10.91 -0.30
C PHE A 177 8.04 11.69 -0.71
N LEU A 178 6.99 11.69 0.07
CA LEU A 178 5.78 12.39 -0.30
C LEU A 178 5.99 13.91 -0.37
N GLU A 179 6.84 14.47 0.49
CA GLU A 179 7.13 15.90 0.38
C GLU A 179 7.77 16.23 -0.96
N ARG A 180 8.62 15.34 -1.48
CA ARG A 180 9.29 15.62 -2.75
C ARG A 180 8.38 15.38 -3.93
N HIS A 181 7.41 14.47 -3.84
CA HIS A 181 6.66 14.00 -5.00
C HIS A 181 5.23 14.46 -5.06
N SER A 182 4.67 15.02 -3.98
CA SER A 182 3.25 15.33 -3.93
C SER A 182 2.96 16.76 -3.45
N PRO A 183 2.53 17.65 -4.34
CA PRO A 183 2.05 18.99 -3.93
C PRO A 183 0.90 18.89 -2.92
N TYR A 184 -0.02 17.94 -3.12
CA TYR A 184 -1.12 17.76 -2.17
C TYR A 184 -0.56 17.48 -0.80
N PHE A 185 0.39 16.54 -0.69
CA PHE A 185 0.95 16.24 0.62
C PHE A 185 1.57 17.49 1.22
N ARG A 186 2.36 18.24 0.44
CA ARG A 186 2.99 19.44 1.02
C ARG A 186 1.92 20.40 1.54
N SER A 187 0.85 20.60 0.78
CA SER A 187 -0.22 21.51 1.16
C SER A 187 -0.92 21.10 2.43
N HIS A 188 -0.82 19.81 2.80
CA HIS A 188 -1.50 19.25 3.96
C HIS A 188 -0.53 18.55 4.89
N SER A 189 0.75 18.93 4.87
CA SER A 189 1.80 18.12 5.47
C SER A 189 1.59 17.93 6.96
N ALA A 190 1.48 19.00 7.71
CA ALA A 190 1.41 18.85 9.15
C ALA A 190 0.13 18.11 9.53
N GLN A 191 -0.97 18.34 8.86
CA GLN A 191 -2.24 17.70 9.13
C GLN A 191 -2.16 16.19 8.92
N ILE A 192 -1.62 15.83 7.76
CA ILE A 192 -1.51 14.39 7.43
C ILE A 192 -0.54 13.73 8.36
N ARG A 193 0.58 14.36 8.63
CA ARG A 193 1.56 13.77 9.58
C ARG A 193 0.91 13.49 10.91
N SER A 194 0.14 14.42 11.43
CA SER A 194 -0.49 14.24 12.71
C SER A 194 -1.47 13.09 12.71
N ALA A 195 -2.29 13.02 11.66
CA ALA A 195 -3.36 12.03 11.55
C ALA A 195 -2.82 10.62 11.34
N THR A 196 -1.62 10.51 10.77
CA THR A 196 -1.03 9.21 10.36
C THR A 196 0.13 8.81 11.22
N SER A 197 0.40 9.50 12.32
CA SER A 197 1.66 9.42 13.02
C SER A 197 2.05 8.02 13.47
N PHE A 198 3.35 7.86 13.62
CA PHE A 198 3.95 6.56 13.89
C PHE A 198 3.47 5.93 15.18
N CYS A 199 3.24 6.74 16.19
CA CYS A 199 2.66 6.25 17.45
C CYS A 199 1.29 6.85 17.70
N HIS A 200 0.51 6.97 16.62
CA HIS A 200 -0.86 7.46 16.83
C HIS A 200 -1.67 6.64 17.79
N LEU A 201 -1.41 5.32 17.84
CA LEU A 201 -2.16 4.35 18.64
C LEU A 201 -1.43 3.92 19.90
N LYS A 202 -0.37 4.59 20.31
CA LYS A 202 0.39 4.28 21.56
C LYS A 202 0.74 5.57 22.23
N ASN A 203 0.49 5.61 23.51
CA ASN A 203 0.78 6.81 24.22
C ASN A 203 1.54 6.47 25.50
N MET A 204 2.42 5.54 25.46
CA MET A 204 3.30 5.09 26.51
C MET A 204 4.61 4.55 25.93
NA NA B . 12.48 -2.35 0.42
#